data_4MB5
#
_entry.id   4MB5
#
_cell.length_a   67.057
_cell.length_b   67.057
_cell.length_c   256.633
_cell.angle_alpha   90.00
_cell.angle_beta   90.00
_cell.angle_gamma   120.00
#
_symmetry.space_group_name_H-M   'P 31 1 2'
#
loop_
_entity.id
_entity.type
_entity.pdbx_description
1 polymer 'Chitinase 60'
2 branched 2-acetamido-2-deoxy-beta-D-glucopyranose-(1-4)-2-acetamido-2-deoxy-beta-D-glucopyranose-(1-4)-2-acetamido-2-deoxy-beta-D-glucopyranose-(1-4)-2-acetamido-2-deoxy-beta-D-glucopyranose-(1-4)-2-acetamido-2-deoxy-alpha-D-glucopyranose
3 non-polymer 'SODIUM ION'
4 non-polymer GLYCEROL
5 non-polymer DI(HYDROXYETHYL)ETHER
6 non-polymer 'SULFATE ION'
7 non-polymer GLYCINE
8 water water
#
_entity_poly.entity_id   1
_entity_poly.type   'polypeptide(L)'
_entity_poly.pdbx_seq_one_letter_code
;GTITSQDDNVVVGYWHNWCDGRGYQGGNAPCVELKTVNPQYNVVNISFMKVYDIAEGRIPTFKLDPTIALSEAEFIAQID
TLNSQGRSVLIALGGADAHIELTRGDEDALAAEIIRLTDLYGFDGLDIDLQQAAITAKDNQFVIPAALKMVKEHYRKTGD
NFMITMAPEFPYLTANGAYTPYLTELDGYYDFINPQFYNQGGDGLWIEGVGWIAQNNDALKEEFIYYIADSLINGTRNYH
KIPHDKLVFGLPSNIDAAATGYIQDPQDLYKAFDRLKAQGQPLRGVMTWSVNWDMGTDAANNSYNQQFIKDYGNFIHNQL
PPVTDMTPTLSGIVDTRVELDSHFDPLIGITAKDYQGNDITADVTVSGSVNTNQVGDYLLTYSVSSDDETTNQPRKITVY
EILPAFTGITDTTVVIDSEFDPMQGVSASHPTQGDLTANITVTGEVDTNVVGVYELTYQLFYGQDNQQNMTDKRIVTVVT
DAVSDDDWQVGSTYVKDDKVTHNGATWTAQWWTKGEEPGTTGEWGVWR
;
_entity_poly.pdbx_strand_id   A
#
loop_
_chem_comp.id
_chem_comp.type
_chem_comp.name
_chem_comp.formula
GOL non-polymer GLYCEROL 'C3 H8 O3'
NA non-polymer 'SODIUM ION' 'Na 1'
NAG D-saccharide, beta linking 2-acetamido-2-deoxy-beta-D-glucopyranose 'C8 H15 N O6'
NDG D-saccharide, alpha linking 2-acetamido-2-deoxy-alpha-D-glucopyranose 'C8 H15 N O6'
PEG non-polymer DI(HYDROXYETHYL)ETHER 'C4 H10 O3'
SO4 non-polymer 'SULFATE ION' 'O4 S -2'
#
# COMPACT_ATOMS: atom_id res chain seq x y z
N GLY A 1 9.69 -22.56 33.58
CA GLY A 1 10.60 -22.93 32.49
C GLY A 1 11.43 -21.81 31.87
N THR A 2 12.30 -22.16 30.92
CA THR A 2 13.13 -21.17 30.25
C THR A 2 12.47 -20.87 28.88
N ILE A 3 13.08 -19.94 28.16
CA ILE A 3 12.53 -19.65 26.80
C ILE A 3 12.84 -20.80 25.85
N THR A 4 11.74 -21.37 25.40
CA THR A 4 11.66 -22.60 24.66
C THR A 4 11.18 -22.25 23.27
N SER A 5 12.06 -22.47 22.31
CA SER A 5 11.73 -22.09 20.93
CA SER A 5 11.84 -22.07 20.92
C SER A 5 11.71 -23.33 20.06
N GLN A 6 11.13 -23.19 18.86
CA GLN A 6 10.95 -24.36 18.02
C GLN A 6 11.90 -24.24 16.79
N ASP A 7 12.70 -25.26 16.61
CA ASP A 7 13.57 -25.33 15.48
C ASP A 7 12.96 -26.08 14.31
N ASP A 8 11.93 -26.91 14.55
CA ASP A 8 11.48 -27.76 13.42
C ASP A 8 10.11 -27.28 12.96
N ASN A 9 9.39 -28.15 12.29
CA ASN A 9 8.04 -27.76 11.88
C ASN A 9 7.13 -27.48 13.06
N VAL A 10 6.17 -26.64 12.84
CA VAL A 10 5.21 -26.31 13.90
C VAL A 10 3.75 -26.64 13.55
N VAL A 11 2.99 -27.03 14.55
CA VAL A 11 1.54 -26.98 14.50
C VAL A 11 1.10 -26.02 15.59
N VAL A 12 0.67 -24.86 15.16
CA VAL A 12 0.35 -23.77 16.06
C VAL A 12 -1.11 -23.79 16.37
N GLY A 13 -1.46 -23.60 17.65
CA GLY A 13 -2.85 -23.53 18.06
C GLY A 13 -3.09 -22.38 18.98
N TYR A 14 -4.07 -21.50 18.70
CA TYR A 14 -4.44 -20.45 19.62
C TYR A 14 -5.29 -21.03 20.78
N TRP A 15 -5.15 -20.42 21.98
CA TRP A 15 -5.81 -20.80 23.15
C TRP A 15 -6.59 -19.60 23.63
N HIS A 16 -7.90 -19.80 23.81
CA HIS A 16 -8.81 -18.69 24.17
C HIS A 16 -8.72 -18.33 25.68
N ASN A 17 -8.40 -17.08 25.99
CA ASN A 17 -8.51 -16.55 27.32
C ASN A 17 -9.94 -16.18 27.67
N TRP A 18 -10.85 -17.12 27.46
CA TRP A 18 -12.26 -16.95 27.83
C TRP A 18 -13.00 -18.24 27.59
N CYS A 19 -14.23 -18.32 28.09
CA CYS A 19 -15.03 -19.51 28.09
C CYS A 19 -16.27 -19.39 27.20
N ASP A 20 -16.69 -20.50 26.62
CA ASP A 20 -17.94 -20.64 25.90
C ASP A 20 -18.14 -19.60 24.81
N GLY A 21 -17.17 -19.55 23.91
CA GLY A 21 -17.34 -18.68 22.74
C GLY A 21 -18.27 -19.28 21.75
N ARG A 22 -19.04 -18.39 21.12
CA ARG A 22 -20.05 -18.83 20.16
C ARG A 22 -19.44 -19.05 18.79
N GLY A 23 -19.83 -20.11 18.13
CA GLY A 23 -19.28 -20.42 16.80
C GLY A 23 -20.11 -19.79 15.66
N TYR A 24 -19.47 -19.73 14.51
CA TYR A 24 -20.10 -19.18 13.32
C TYR A 24 -21.26 -20.04 12.87
N GLN A 25 -21.35 -21.30 13.31
CA GLN A 25 -22.49 -22.16 13.04
C GLN A 25 -23.24 -22.60 14.29
N GLY A 26 -23.15 -21.77 15.33
CA GLY A 26 -23.95 -21.97 16.54
C GLY A 26 -23.36 -22.93 17.55
N GLY A 27 -22.13 -23.40 17.29
CA GLY A 27 -21.40 -24.28 18.23
C GLY A 27 -20.86 -23.51 19.42
N ASN A 28 -20.07 -24.21 20.23
CA ASN A 28 -19.55 -23.67 21.44
C ASN A 28 -18.07 -24.09 21.63
N ALA A 29 -17.22 -23.14 21.99
CA ALA A 29 -15.81 -23.42 22.34
C ALA A 29 -15.60 -23.23 23.84
N PRO A 30 -15.46 -24.34 24.57
CA PRO A 30 -15.23 -24.21 25.99
C PRO A 30 -13.87 -23.62 26.27
N CYS A 31 -13.69 -23.01 27.46
CA CYS A 31 -12.32 -22.76 27.90
C CYS A 31 -11.75 -24.14 28.27
N VAL A 32 -10.44 -24.33 28.08
CA VAL A 32 -9.81 -25.58 28.44
C VAL A 32 -8.53 -25.25 29.19
N GLU A 33 -8.10 -26.17 30.06
CA GLU A 33 -6.85 -25.93 30.72
C GLU A 33 -5.73 -26.15 29.77
N LEU A 34 -4.62 -25.42 29.89
CA LEU A 34 -3.50 -25.68 28.97
C LEU A 34 -2.97 -27.08 28.96
N LYS A 35 -2.93 -27.69 30.11
CA LYS A 35 -2.40 -29.03 30.22
C LYS A 35 -3.25 -30.05 29.49
N THR A 36 -4.42 -29.65 29.00
CA THR A 36 -5.25 -30.59 28.24
C THR A 36 -5.09 -30.48 26.70
N VAL A 37 -4.30 -29.54 26.23
CA VAL A 37 -4.14 -29.30 24.79
C VAL A 37 -3.30 -30.45 24.24
N ASN A 38 -3.71 -31.00 23.11
CA ASN A 38 -3.01 -32.15 22.51
C ASN A 38 -1.53 -31.82 22.35
N PRO A 39 -0.65 -32.74 22.75
CA PRO A 39 0.78 -32.49 22.66
C PRO A 39 1.34 -32.14 21.30
N GLN A 40 0.61 -32.50 20.22
CA GLN A 40 1.08 -32.23 18.88
C GLN A 40 0.92 -30.75 18.50
N TYR A 41 0.23 -29.95 19.29
CA TYR A 41 0.31 -28.48 19.18
C TYR A 41 1.58 -28.06 19.91
N ASN A 42 2.67 -27.90 19.18
CA ASN A 42 3.94 -27.56 19.78
C ASN A 42 4.19 -26.06 19.96
N VAL A 43 3.28 -25.25 19.46
CA VAL A 43 3.23 -23.82 19.76
C VAL A 43 1.77 -23.51 20.16
N VAL A 44 1.55 -22.90 21.33
CA VAL A 44 0.21 -22.62 21.81
C VAL A 44 0.17 -21.14 22.14
N ASN A 45 -0.71 -20.41 21.47
CA ASN A 45 -0.76 -18.96 21.55
C ASN A 45 -1.85 -18.43 22.44
N ILE A 46 -1.45 -17.88 23.59
CA ILE A 46 -2.40 -17.32 24.59
C ILE A 46 -3.10 -16.07 23.98
N SER A 47 -4.43 -16.08 23.93
CA SER A 47 -5.18 -15.03 23.15
C SER A 47 -6.10 -14.27 24.11
N PHE A 48 -5.86 -13.01 24.43
CA PHE A 48 -4.93 -12.12 23.79
C PHE A 48 -4.40 -11.05 24.74
N MET A 49 -3.24 -10.54 24.38
CA MET A 49 -2.74 -9.31 24.96
C MET A 49 -3.34 -8.10 24.24
N LYS A 50 -3.83 -7.12 24.97
CA LYS A 50 -4.61 -6.03 24.36
C LYS A 50 -4.79 -4.96 25.41
N VAL A 51 -5.51 -3.90 25.05
CA VAL A 51 -5.85 -2.90 26.06
C VAL A 51 -7.15 -3.33 26.72
N TYR A 52 -7.04 -3.59 28.02
CA TYR A 52 -8.20 -4.07 28.80
C TYR A 52 -9.03 -2.94 29.38
N ASP A 53 -8.44 -1.75 29.48
CA ASP A 53 -9.18 -0.52 29.80
C ASP A 53 -8.28 0.67 29.71
N ILE A 54 -8.75 1.69 29.02
CA ILE A 54 -7.91 2.82 28.67
C ILE A 54 -7.51 3.67 29.86
N ALA A 55 -8.05 3.37 31.04
CA ALA A 55 -7.65 4.05 32.27
C ALA A 55 -6.28 3.59 32.70
N GLU A 56 -5.85 2.47 32.15
CA GLU A 56 -4.52 1.94 32.42
C GLU A 56 -3.49 2.50 31.45
N GLY A 57 -3.96 3.29 30.49
CA GLY A 57 -3.07 3.86 29.48
C GLY A 57 -3.09 3.08 28.17
N ARG A 58 -2.20 3.46 27.27
CA ARG A 58 -2.19 2.99 25.88
C ARG A 58 -1.49 1.63 25.75
N ILE A 59 -0.64 1.26 26.72
CA ILE A 59 0.14 0.06 26.51
C ILE A 59 -0.69 -1.20 26.80
N PRO A 60 -0.73 -2.12 25.84
CA PRO A 60 -1.56 -3.30 26.10
C PRO A 60 -0.91 -4.23 27.12
N THR A 61 -1.71 -5.18 27.63
CA THR A 61 -1.24 -6.04 28.69
C THR A 61 -1.99 -7.37 28.57
N PHE A 62 -1.76 -8.28 29.52
CA PHE A 62 -2.47 -9.54 29.58
C PHE A 62 -3.03 -9.78 30.96
N LYS A 63 -4.30 -10.18 31.02
CA LYS A 63 -5.03 -10.48 32.23
C LYS A 63 -5.77 -11.77 32.06
N LEU A 64 -5.35 -12.76 32.84
CA LEU A 64 -5.96 -14.06 32.71
C LEU A 64 -7.40 -13.98 33.15
N ASP A 65 -8.28 -14.63 32.41
CA ASP A 65 -9.70 -14.72 32.77
C ASP A 65 -9.90 -15.71 33.91
N PRO A 66 -10.33 -15.22 35.06
CA PRO A 66 -10.36 -16.14 36.21
C PRO A 66 -11.44 -17.22 36.15
N THR A 67 -12.41 -17.03 35.26
CA THR A 67 -13.48 -18.02 35.15
C THR A 67 -12.99 -19.31 34.48
N ILE A 68 -11.75 -19.30 34.02
CA ILE A 68 -11.21 -20.49 33.45
C ILE A 68 -10.80 -21.36 34.66
N ALA A 69 -10.86 -20.72 35.83
CA ALA A 69 -10.55 -21.33 37.15
C ALA A 69 -9.12 -21.87 37.28
N LEU A 70 -8.23 -21.23 36.57
CA LEU A 70 -6.80 -21.34 36.82
C LEU A 70 -6.36 -20.15 37.65
N SER A 71 -5.72 -20.40 38.77
CA SER A 71 -5.15 -19.28 39.44
C SER A 71 -3.96 -18.81 38.62
N GLU A 72 -3.42 -17.64 38.95
CA GLU A 72 -2.22 -17.20 38.24
C GLU A 72 -1.09 -18.25 38.37
N ALA A 73 -0.92 -18.74 39.62
CA ALA A 73 0.20 -19.65 39.88
C ALA A 73 0.03 -20.96 39.09
N GLU A 74 -1.21 -21.42 39.01
CA GLU A 74 -1.51 -22.64 38.26
C GLU A 74 -1.30 -22.47 36.74
N PHE A 75 -1.70 -21.33 36.22
CA PHE A 75 -1.46 -21.01 34.84
C PHE A 75 0.02 -21.03 34.52
N ILE A 76 0.82 -20.38 35.39
CA ILE A 76 2.27 -20.40 35.29
C ILE A 76 2.78 -21.86 35.33
N ALA A 77 2.25 -22.66 36.27
CA ALA A 77 2.65 -24.07 36.34
C ALA A 77 2.33 -24.85 35.05
N GLN A 78 1.18 -24.57 34.38
CA GLN A 78 0.88 -25.30 33.17
C GLN A 78 1.74 -24.88 31.99
N ILE A 79 2.06 -23.60 31.92
CA ILE A 79 3.07 -23.13 30.95
C ILE A 79 4.42 -23.80 31.18
N ASP A 80 4.84 -23.93 32.45
CA ASP A 80 6.09 -24.59 32.74
C ASP A 80 6.01 -26.06 32.33
N THR A 81 4.83 -26.69 32.51
CA THR A 81 4.66 -28.06 32.03
C THR A 81 4.86 -28.20 30.50
N LEU A 82 4.24 -27.31 29.77
CA LEU A 82 4.42 -27.35 28.32
C LEU A 82 5.89 -27.11 27.96
N ASN A 83 6.53 -26.14 28.59
CA ASN A 83 7.94 -25.88 28.31
C ASN A 83 8.82 -27.12 28.63
N SER A 84 8.49 -27.82 29.72
CA SER A 84 9.19 -29.05 30.09
CA SER A 84 9.23 -29.03 30.05
C SER A 84 9.13 -30.11 28.98
N GLN A 85 8.05 -30.09 28.23
CA GLN A 85 7.79 -30.99 27.09
C GLN A 85 8.41 -30.47 25.79
N GLY A 86 9.11 -29.32 25.84
CA GLY A 86 9.73 -28.71 24.70
C GLY A 86 8.76 -27.95 23.82
N ARG A 87 7.58 -27.68 24.36
CA ARG A 87 6.61 -26.87 23.62
C ARG A 87 6.68 -25.40 23.95
N SER A 88 6.31 -24.54 22.97
CA SER A 88 6.38 -23.09 23.20
C SER A 88 4.99 -22.53 23.49
N VAL A 89 4.95 -21.50 24.32
CA VAL A 89 3.70 -20.80 24.62
C VAL A 89 3.97 -19.34 24.36
N LEU A 90 3.29 -18.81 23.32
CA LEU A 90 3.50 -17.42 22.97
C LEU A 90 2.32 -16.60 23.51
N ILE A 91 2.53 -15.30 23.67
CA ILE A 91 1.43 -14.36 23.92
C ILE A 91 1.04 -13.70 22.59
N ALA A 92 -0.22 -13.77 22.28
CA ALA A 92 -0.77 -13.18 21.01
C ALA A 92 -1.27 -11.80 21.26
N LEU A 93 -0.72 -10.84 20.51
CA LEU A 93 -1.07 -9.45 20.62
C LEU A 93 -2.17 -9.05 19.64
N GLY A 94 -3.26 -8.54 20.14
CA GLY A 94 -4.36 -8.05 19.29
C GLY A 94 -5.60 -8.93 19.34
N GLY A 95 -5.93 -9.56 18.20
CA GLY A 95 -7.15 -10.31 18.08
C GLY A 95 -8.25 -9.48 17.41
N ALA A 96 -9.38 -10.11 17.12
CA ALA A 96 -10.49 -9.36 16.59
C ALA A 96 -11.01 -8.39 17.64
N ASP A 97 -11.32 -7.19 17.16
CA ASP A 97 -12.01 -6.17 17.91
C ASP A 97 -11.17 -5.58 19.03
N ALA A 98 -9.86 -5.77 18.96
CA ALA A 98 -8.96 -5.22 19.91
C ALA A 98 -8.33 -3.99 19.34
N HIS A 99 -8.63 -2.84 19.90
CA HIS A 99 -7.92 -1.66 19.37
C HIS A 99 -6.73 -1.32 20.24
N ILE A 100 -5.63 -1.06 19.56
CA ILE A 100 -4.36 -0.72 20.14
C ILE A 100 -3.92 0.49 19.32
N GLU A 101 -3.50 1.55 19.98
CA GLU A 101 -3.13 2.78 19.27
C GLU A 101 -1.99 3.49 19.98
N LEU A 102 -0.79 3.23 19.51
CA LEU A 102 0.43 3.70 20.18
C LEU A 102 1.04 4.88 19.47
N THR A 103 1.69 5.73 20.26
CA THR A 103 2.41 6.89 19.76
C THR A 103 3.89 6.70 19.80
N ARG A 104 4.55 7.23 18.80
CA ARG A 104 6.00 7.25 18.75
C ARG A 104 6.54 7.68 20.13
N GLY A 105 7.47 6.91 20.63
CA GLY A 105 7.94 7.07 22.01
C GLY A 105 7.39 6.04 22.98
N ASP A 106 6.31 5.36 22.61
CA ASP A 106 5.75 4.25 23.43
C ASP A 106 6.54 2.95 23.32
N GLU A 107 7.56 2.90 22.48
CA GLU A 107 8.21 1.63 22.26
C GLU A 107 8.95 1.12 23.51
N ASP A 108 9.60 2.00 24.27
CA ASP A 108 10.27 1.56 25.50
C ASP A 108 9.31 0.90 26.49
N ALA A 109 8.16 1.56 26.73
CA ALA A 109 7.14 1.00 27.64
C ALA A 109 6.47 -0.31 27.16
N LEU A 110 6.23 -0.40 25.86
CA LEU A 110 5.71 -1.64 25.33
C LEU A 110 6.72 -2.76 25.51
N ALA A 111 7.98 -2.51 25.18
CA ALA A 111 9.02 -3.54 25.38
C ALA A 111 9.11 -3.98 26.84
N ALA A 112 9.04 -3.02 27.75
CA ALA A 112 9.15 -3.30 29.15
C ALA A 112 7.99 -4.16 29.61
N GLU A 113 6.80 -3.92 29.10
CA GLU A 113 5.62 -4.70 29.49
C GLU A 113 5.69 -6.10 28.89
N ILE A 114 6.15 -6.22 27.64
CA ILE A 114 6.34 -7.55 27.02
C ILE A 114 7.31 -8.36 27.91
N ILE A 115 8.41 -7.76 28.32
CA ILE A 115 9.40 -8.49 29.10
C ILE A 115 8.85 -8.86 30.44
N ARG A 116 8.13 -7.92 31.04
CA ARG A 116 7.53 -8.20 32.34
C ARG A 116 6.61 -9.44 32.30
N LEU A 117 5.69 -9.45 31.32
CA LEU A 117 4.79 -10.55 31.16
C LEU A 117 5.57 -11.83 30.86
N THR A 118 6.58 -11.72 30.02
CA THR A 118 7.30 -12.90 29.57
C THR A 118 7.99 -13.55 30.77
N ASP A 119 8.64 -12.71 31.57
CA ASP A 119 9.36 -13.21 32.78
C ASP A 119 8.37 -13.73 33.83
N LEU A 120 7.22 -13.09 33.99
CA LEU A 120 6.23 -13.54 34.98
C LEU A 120 5.58 -14.89 34.59
N TYR A 121 5.12 -14.98 33.34
CA TYR A 121 4.35 -16.15 32.94
C TYR A 121 5.17 -17.29 32.33
N GLY A 122 6.38 -16.99 31.85
CA GLY A 122 7.15 -18.01 31.16
C GLY A 122 6.89 -18.06 29.68
N PHE A 123 6.26 -17.04 29.12
CA PHE A 123 6.06 -17.00 27.69
C PHE A 123 7.38 -17.12 26.93
N ASP A 124 7.29 -17.67 25.73
CA ASP A 124 8.47 -17.92 24.91
C ASP A 124 8.57 -16.96 23.69
N GLY A 125 7.62 -16.07 23.55
CA GLY A 125 7.61 -15.13 22.42
C GLY A 125 6.26 -14.50 22.29
N LEU A 126 6.07 -13.78 21.18
CA LEU A 126 4.89 -13.02 20.98
C LEU A 126 4.50 -13.13 19.50
N ASP A 127 3.20 -13.29 19.30
CA ASP A 127 2.55 -13.33 17.98
C ASP A 127 1.84 -12.02 17.72
N ILE A 128 2.18 -11.39 16.61
CA ILE A 128 1.49 -10.15 16.19
C ILE A 128 0.19 -10.51 15.42
N ASP A 129 -0.96 -10.24 16.07
CA ASP A 129 -2.25 -10.54 15.52
C ASP A 129 -3.11 -9.26 15.51
N LEU A 130 -2.51 -8.17 15.02
CA LEU A 130 -3.23 -6.93 14.77
C LEU A 130 -4.22 -7.06 13.66
N GLN A 131 -5.43 -6.58 13.91
CA GLN A 131 -6.49 -6.61 12.90
C GLN A 131 -7.17 -5.27 12.79
N GLN A 132 -7.80 -5.09 11.64
CA GLN A 132 -8.52 -3.90 11.28
C GLN A 132 -7.70 -2.65 11.63
N ALA A 133 -8.31 -1.68 12.29
CA ALA A 133 -7.66 -0.38 12.45
C ALA A 133 -6.36 -0.49 13.26
N ALA A 134 -6.22 -1.58 14.03
CA ALA A 134 -5.07 -1.68 14.88
C ALA A 134 -3.82 -1.95 14.02
N ILE A 135 -3.98 -2.39 12.78
CA ILE A 135 -2.78 -2.63 11.97
C ILE A 135 -2.08 -1.28 11.68
N THR A 136 -2.86 -0.21 11.44
CA THR A 136 -2.33 1.02 10.92
C THR A 136 -2.50 2.22 11.84
N ALA A 137 -3.09 1.99 13.00
CA ALA A 137 -3.46 3.07 13.89
C ALA A 137 -2.25 3.87 14.36
N LYS A 138 -2.39 5.20 14.35
CA LYS A 138 -1.34 6.11 14.79
C LYS A 138 0.06 5.66 14.40
N ASP A 139 0.94 5.32 15.38
CA ASP A 139 2.33 4.99 15.05
C ASP A 139 2.63 3.50 15.29
N ASN A 140 1.57 2.69 15.34
CA ASN A 140 1.77 1.25 15.59
C ASN A 140 2.82 0.61 14.68
N GLN A 141 2.79 0.98 13.40
CA GLN A 141 3.67 0.33 12.43
C GLN A 141 5.17 0.64 12.69
N PHE A 142 5.42 1.69 13.48
CA PHE A 142 6.79 1.98 13.92
C PHE A 142 6.99 1.43 15.35
N VAL A 143 6.05 1.70 16.26
CA VAL A 143 6.27 1.38 17.66
C VAL A 143 6.40 -0.12 17.93
N ILE A 144 5.51 -0.89 17.33
CA ILE A 144 5.44 -2.30 17.65
C ILE A 144 6.72 -2.99 17.17
N PRO A 145 7.15 -2.77 15.91
CA PRO A 145 8.45 -3.36 15.53
C PRO A 145 9.64 -2.88 16.38
N ALA A 146 9.66 -1.61 16.72
CA ALA A 146 10.78 -1.08 17.46
C ALA A 146 10.81 -1.77 18.84
N ALA A 147 9.65 -1.92 19.47
CA ALA A 147 9.61 -2.55 20.79
C ALA A 147 10.09 -3.97 20.70
N LEU A 148 9.63 -4.68 19.69
CA LEU A 148 9.94 -6.07 19.58
C LEU A 148 11.43 -6.27 19.25
N LYS A 149 12.04 -5.34 18.52
CA LYS A 149 13.49 -5.48 18.32
C LYS A 149 14.26 -5.42 19.64
N MET A 150 13.85 -4.48 20.49
CA MET A 150 14.41 -4.40 21.83
C MET A 150 14.23 -5.65 22.65
N VAL A 151 13.06 -6.27 22.55
CA VAL A 151 12.78 -7.44 23.33
C VAL A 151 13.64 -8.57 22.82
N LYS A 152 13.73 -8.70 21.51
CA LYS A 152 14.57 -9.77 20.93
C LYS A 152 15.97 -9.64 21.41
N GLU A 153 16.53 -8.44 21.32
N GLU A 153 16.48 -8.41 21.35
CA GLU A 153 17.91 -8.26 21.73
CA GLU A 153 17.85 -8.08 21.68
C GLU A 153 18.07 -8.52 23.21
C GLU A 153 18.12 -8.28 23.19
N HIS A 154 17.11 -8.02 24.00
CA HIS A 154 17.19 -8.24 25.45
C HIS A 154 17.42 -9.73 25.78
N TYR A 155 16.64 -10.59 25.17
CA TYR A 155 16.78 -12.02 25.42
C TYR A 155 18.00 -12.66 24.70
N ARG A 156 18.38 -12.12 23.53
CA ARG A 156 19.60 -12.61 22.88
C ARG A 156 20.78 -12.48 23.83
N LYS A 157 20.76 -11.45 24.67
CA LYS A 157 21.91 -11.19 25.55
C LYS A 157 22.16 -12.37 26.48
N THR A 158 21.12 -13.12 26.84
CA THR A 158 21.28 -14.27 27.70
C THR A 158 21.21 -15.56 26.94
N GLY A 159 21.33 -15.44 25.61
CA GLY A 159 21.36 -16.60 24.74
C GLY A 159 19.99 -17.21 24.47
N ASP A 160 18.92 -16.44 24.64
CA ASP A 160 17.60 -16.98 24.47
C ASP A 160 16.99 -16.38 23.18
N ASN A 161 16.25 -17.22 22.46
CA ASN A 161 15.56 -16.79 21.25
C ASN A 161 14.09 -16.58 21.60
N PHE A 162 13.76 -15.35 21.97
CA PHE A 162 12.37 -14.89 22.13
C PHE A 162 11.70 -14.94 20.78
N MET A 163 10.72 -15.81 20.64
CA MET A 163 10.11 -16.00 19.31
C MET A 163 9.24 -14.81 18.90
N ILE A 164 9.23 -14.50 17.60
CA ILE A 164 8.30 -13.51 17.11
C ILE A 164 7.61 -14.12 15.90
N THR A 165 6.29 -14.13 15.96
CA THR A 165 5.48 -14.65 14.87
C THR A 165 4.45 -13.58 14.52
N MET A 166 3.72 -13.76 13.42
CA MET A 166 2.63 -12.86 13.09
C MET A 166 1.51 -13.64 12.41
N ALA A 167 0.27 -13.12 12.53
CA ALA A 167 -0.91 -13.78 11.95
C ALA A 167 -1.67 -12.83 11.05
N PRO A 168 -1.00 -12.23 10.08
CA PRO A 168 -1.74 -11.35 9.15
C PRO A 168 -2.77 -12.09 8.37
N GLU A 169 -3.94 -11.46 8.23
CA GLU A 169 -4.89 -11.92 7.26
C GLU A 169 -4.29 -11.77 5.85
N PHE A 170 -4.43 -12.80 5.02
CA PHE A 170 -3.63 -12.85 3.82
C PHE A 170 -3.86 -11.62 2.86
N PRO A 171 -5.05 -11.04 2.85
CA PRO A 171 -5.17 -9.86 1.91
C PRO A 171 -4.22 -8.71 2.23
N TYR A 172 -3.65 -8.65 3.44
CA TYR A 172 -2.76 -7.58 3.79
C TYR A 172 -1.33 -7.83 3.36
N LEU A 173 -1.11 -8.97 2.74
CA LEU A 173 0.25 -9.39 2.36
C LEU A 173 0.67 -9.07 0.95
N THR A 174 -0.10 -8.22 0.24
CA THR A 174 0.40 -7.76 -0.99
C THR A 174 1.66 -6.98 -0.74
N ALA A 175 2.40 -6.78 -1.82
CA ALA A 175 3.73 -6.23 -1.75
C ALA A 175 3.89 -4.90 -0.99
N ASN A 176 2.94 -3.98 -1.10
CA ASN A 176 2.93 -2.70 -0.39
C ASN A 176 1.73 -2.61 0.54
N GLY A 177 1.39 -3.74 1.13
CA GLY A 177 0.14 -3.85 1.90
C GLY A 177 0.39 -3.45 3.34
N ALA A 178 -0.67 -3.45 4.14
CA ALA A 178 -0.64 -2.84 5.45
C ALA A 178 0.30 -3.55 6.42
N TYR A 179 0.54 -4.81 6.22
CA TYR A 179 1.42 -5.52 7.13
C TYR A 179 2.88 -5.42 6.73
N THR A 180 3.15 -4.82 5.59
CA THR A 180 4.51 -4.83 5.11
C THR A 180 5.58 -4.15 6.04
N PRO A 181 5.27 -3.08 6.74
CA PRO A 181 6.21 -2.51 7.68
C PRO A 181 6.56 -3.47 8.80
N TYR A 182 5.60 -4.24 9.26
CA TYR A 182 5.94 -5.20 10.33
C TYR A 182 6.94 -6.21 9.77
N LEU A 183 6.62 -6.76 8.60
CA LEU A 183 7.45 -7.77 7.98
C LEU A 183 8.84 -7.29 7.61
N THR A 184 8.94 -6.08 7.06
CA THR A 184 10.28 -5.58 6.69
C THR A 184 11.07 -5.13 7.91
N GLU A 185 10.44 -4.40 8.81
CA GLU A 185 11.21 -3.97 9.98
C GLU A 185 11.70 -5.18 10.79
N LEU A 186 10.94 -6.27 10.80
CA LEU A 186 11.32 -7.44 11.58
C LEU A 186 11.96 -8.58 10.79
N ASP A 187 12.38 -8.33 9.56
CA ASP A 187 13.13 -9.32 8.79
C ASP A 187 14.36 -9.68 9.59
N GLY A 188 14.56 -10.97 9.80
CA GLY A 188 15.69 -11.45 10.60
C GLY A 188 15.28 -11.66 12.02
N TYR A 189 14.27 -10.95 12.51
CA TYR A 189 13.84 -11.07 13.90
C TYR A 189 12.73 -12.11 14.05
N TYR A 190 11.89 -12.28 13.02
CA TYR A 190 10.75 -13.18 13.18
C TYR A 190 11.13 -14.60 12.84
N ASP A 191 10.54 -15.53 13.62
CA ASP A 191 10.72 -16.95 13.43
C ASP A 191 9.92 -17.57 12.31
N PHE A 192 8.64 -17.23 12.26
CA PHE A 192 7.78 -17.59 11.14
C PHE A 192 6.53 -16.74 11.19
N ILE A 193 5.87 -16.72 10.03
CA ILE A 193 4.60 -16.03 9.89
C ILE A 193 3.55 -17.07 9.65
N ASN A 194 2.44 -16.94 10.36
CA ASN A 194 1.28 -17.80 10.13
C ASN A 194 0.08 -16.99 9.70
N PRO A 195 0.04 -16.62 8.43
CA PRO A 195 -1.14 -15.89 7.94
C PRO A 195 -2.45 -16.64 8.08
N GLN A 196 -3.55 -15.87 8.18
CA GLN A 196 -4.87 -16.41 8.24
C GLN A 196 -5.40 -16.57 6.86
N PHE A 197 -5.70 -17.81 6.45
CA PHE A 197 -6.38 -18.10 5.17
C PHE A 197 -7.83 -18.50 5.40
N TYR A 198 -8.45 -17.70 6.24
CA TYR A 198 -9.85 -17.85 6.65
C TYR A 198 -10.48 -16.52 6.95
N ASN A 199 -11.81 -16.48 6.86
CA ASN A 199 -12.67 -15.33 7.08
C ASN A 199 -12.56 -14.27 5.99
N GLN A 200 -11.93 -14.62 4.84
CA GLN A 200 -11.81 -13.61 3.78
C GLN A 200 -12.74 -13.82 2.64
N GLY A 201 -13.70 -14.76 2.77
CA GLY A 201 -14.78 -14.90 1.78
C GLY A 201 -14.19 -15.17 0.38
N GLY A 202 -14.68 -14.40 -0.60
CA GLY A 202 -14.30 -14.61 -1.96
C GLY A 202 -13.03 -13.92 -2.38
N ASP A 203 -12.28 -13.37 -1.42
CA ASP A 203 -10.96 -12.87 -1.79
C ASP A 203 -10.02 -14.01 -2.12
N GLY A 204 -8.88 -13.72 -2.73
CA GLY A 204 -8.03 -14.76 -3.24
C GLY A 204 -7.00 -14.12 -4.15
N LEU A 205 -6.70 -14.77 -5.27
CA LEU A 205 -5.73 -14.25 -6.22
C LEU A 205 -5.97 -14.75 -7.61
N TRP A 206 -5.44 -13.96 -8.55
CA TRP A 206 -5.53 -14.19 -9.97
C TRP A 206 -4.23 -14.92 -10.41
N ILE A 207 -4.44 -16.07 -10.98
CA ILE A 207 -3.32 -16.85 -11.55
C ILE A 207 -3.31 -16.74 -13.05
N GLU A 208 -2.37 -15.93 -13.62
CA GLU A 208 -2.29 -15.71 -15.09
C GLU A 208 -2.35 -17.09 -15.74
N GLY A 209 -3.38 -17.34 -16.55
CA GLY A 209 -3.58 -18.66 -17.12
C GLY A 209 -4.45 -19.70 -16.37
N VAL A 210 -4.88 -19.46 -15.13
CA VAL A 210 -5.94 -20.33 -14.55
C VAL A 210 -7.18 -19.59 -13.99
N GLY A 211 -7.03 -18.30 -13.68
CA GLY A 211 -8.21 -17.54 -13.28
C GLY A 211 -8.18 -17.15 -11.81
N TRP A 212 -9.34 -16.76 -11.28
CA TRP A 212 -9.45 -16.30 -9.88
C TRP A 212 -9.68 -17.51 -9.00
N ILE A 213 -8.83 -17.63 -7.99
CA ILE A 213 -8.98 -18.72 -7.03
C ILE A 213 -9.24 -18.11 -5.65
N ALA A 214 -10.44 -18.36 -5.16
CA ALA A 214 -10.95 -17.68 -3.96
C ALA A 214 -10.69 -18.57 -2.74
N GLN A 215 -10.60 -17.93 -1.57
CA GLN A 215 -10.36 -18.67 -0.32
C GLN A 215 -11.61 -19.46 0.10
N ASN A 216 -12.75 -19.14 -0.48
CA ASN A 216 -14.00 -19.82 -0.18
C ASN A 216 -14.46 -20.81 -1.23
N ASN A 217 -13.55 -21.10 -2.18
CA ASN A 217 -13.82 -22.04 -3.26
C ASN A 217 -13.39 -23.46 -2.85
N ASP A 218 -14.37 -24.27 -2.49
CA ASP A 218 -14.08 -25.62 -1.98
C ASP A 218 -13.72 -26.63 -3.07
N ALA A 219 -14.01 -26.31 -4.30
CA ALA A 219 -13.64 -27.14 -5.43
C ALA A 219 -12.20 -26.94 -5.84
N LEU A 220 -11.63 -25.80 -5.49
CA LEU A 220 -10.27 -25.50 -5.93
C LEU A 220 -9.37 -25.27 -4.72
N LYS A 221 -9.67 -25.94 -3.61
CA LYS A 221 -8.88 -25.68 -2.44
C LYS A 221 -7.39 -26.08 -2.59
N GLU A 222 -7.12 -27.19 -3.26
CA GLU A 222 -5.72 -27.58 -3.47
C GLU A 222 -4.97 -26.48 -4.18
N GLU A 223 -5.58 -25.95 -5.23
CA GLU A 223 -4.96 -24.86 -5.97
C GLU A 223 -4.81 -23.59 -5.19
N PHE A 224 -5.82 -23.25 -4.39
CA PHE A 224 -5.72 -22.10 -3.51
C PHE A 224 -4.48 -22.20 -2.61
N ILE A 225 -4.34 -23.31 -1.93
CA ILE A 225 -3.25 -23.45 -0.99
C ILE A 225 -1.91 -23.38 -1.73
N TYR A 226 -1.80 -24.15 -2.81
CA TYR A 226 -0.56 -24.21 -3.55
C TYR A 226 -0.17 -22.83 -4.09
N TYR A 227 -1.08 -22.19 -4.83
CA TYR A 227 -0.74 -20.95 -5.47
C TYR A 227 -0.54 -19.78 -4.54
N ILE A 228 -1.31 -19.65 -3.46
CA ILE A 228 -1.05 -18.52 -2.58
C ILE A 228 0.25 -18.75 -1.82
N ALA A 229 0.53 -20.02 -1.44
CA ALA A 229 1.84 -20.29 -0.80
C ALA A 229 3.00 -20.10 -1.76
N ASP A 230 2.85 -20.57 -3.00
CA ASP A 230 3.90 -20.39 -3.99
C ASP A 230 4.23 -18.91 -4.21
N SER A 231 3.17 -18.06 -4.26
CA SER A 231 3.33 -16.61 -4.45
C SER A 231 4.05 -16.01 -3.27
N LEU A 232 3.64 -16.40 -2.03
CA LEU A 232 4.27 -15.84 -0.84
C LEU A 232 5.77 -16.23 -0.70
N ILE A 233 6.08 -17.52 -0.93
CA ILE A 233 7.44 -17.96 -0.69
C ILE A 233 8.41 -17.53 -1.77
N ASN A 234 7.87 -16.98 -2.88
CA ASN A 234 8.71 -16.49 -3.96
C ASN A 234 8.56 -14.98 -4.22
N GLY A 235 7.71 -14.34 -3.43
CA GLY A 235 7.43 -12.94 -3.65
C GLY A 235 6.88 -12.63 -5.03
N THR A 236 6.05 -13.53 -5.54
CA THR A 236 5.49 -13.30 -6.87
C THR A 236 4.02 -12.93 -6.79
N ARG A 237 3.47 -12.57 -7.94
CA ARG A 237 2.02 -12.32 -8.04
C ARG A 237 1.58 -11.25 -7.07
N ASN A 238 2.46 -10.28 -6.89
CA ASN A 238 2.16 -9.13 -6.10
C ASN A 238 2.08 -9.38 -4.61
N TYR A 239 2.61 -10.51 -4.16
CA TYR A 239 2.72 -10.74 -2.70
C TYR A 239 4.10 -10.46 -2.19
N HIS A 240 4.16 -10.07 -0.91
CA HIS A 240 5.38 -9.87 -0.20
C HIS A 240 6.01 -11.22 0.06
N LYS A 241 7.33 -11.31 -0.07
CA LYS A 241 7.99 -12.61 0.14
C LYS A 241 8.13 -12.99 1.62
N ILE A 242 7.61 -14.17 1.96
CA ILE A 242 7.82 -14.78 3.28
C ILE A 242 8.51 -16.12 2.91
N PRO A 243 9.77 -16.31 3.34
CA PRO A 243 10.48 -17.55 2.92
C PRO A 243 9.76 -18.84 3.35
N HIS A 244 9.88 -19.91 2.58
CA HIS A 244 9.10 -21.12 2.82
C HIS A 244 9.38 -21.76 4.19
N ASP A 245 10.62 -21.60 4.63
CA ASP A 245 11.04 -22.12 5.96
C ASP A 245 10.41 -21.33 7.11
N LYS A 246 9.72 -20.24 6.76
CA LYS A 246 9.10 -19.33 7.71
C LYS A 246 7.64 -19.11 7.41
N LEU A 247 7.03 -19.98 6.60
CA LEU A 247 5.62 -19.85 6.29
C LEU A 247 4.84 -21.01 6.84
N VAL A 248 3.88 -20.65 7.67
CA VAL A 248 3.01 -21.56 8.36
C VAL A 248 1.56 -21.26 7.91
N PHE A 249 0.82 -22.25 7.46
CA PHE A 249 -0.48 -22.01 6.80
C PHE A 249 -1.62 -22.00 7.82
N GLY A 250 -2.22 -20.84 8.07
CA GLY A 250 -3.28 -20.74 9.08
C GLY A 250 -4.67 -21.04 8.64
N LEU A 251 -5.37 -21.85 9.42
CA LEU A 251 -6.64 -22.46 9.05
C LEU A 251 -7.59 -22.45 10.19
N PRO A 252 -8.88 -22.45 9.91
CA PRO A 252 -9.86 -22.69 11.00
C PRO A 252 -10.01 -24.18 11.37
N SER A 253 -10.20 -24.55 12.64
CA SER A 253 -10.22 -25.95 12.97
C SER A 253 -11.42 -26.67 12.36
N ASN A 254 -12.51 -25.93 12.17
CA ASN A 254 -13.81 -26.47 11.75
C ASN A 254 -14.74 -25.31 11.33
N ILE A 255 -15.95 -25.64 10.88
CA ILE A 255 -16.86 -24.61 10.38
C ILE A 255 -17.38 -23.64 11.44
N ASP A 256 -17.25 -23.97 12.74
CA ASP A 256 -17.63 -23.05 13.80
C ASP A 256 -16.57 -22.04 14.09
N ALA A 257 -15.33 -22.43 13.83
CA ALA A 257 -14.18 -21.60 14.21
C ALA A 257 -14.03 -20.33 13.38
N ALA A 258 -14.50 -20.33 12.13
CA ALA A 258 -14.38 -19.15 11.28
C ALA A 258 -15.54 -19.24 10.28
N ALA A 259 -15.88 -18.14 9.65
CA ALA A 259 -17.00 -18.15 8.72
C ALA A 259 -16.74 -18.94 7.44
N THR A 260 -15.55 -18.74 6.89
CA THR A 260 -15.09 -19.42 5.69
C THR A 260 -13.63 -19.81 5.87
N GLY A 261 -13.18 -20.75 5.04
CA GLY A 261 -11.79 -21.13 4.99
C GLY A 261 -11.53 -22.56 5.47
N TYR A 262 -12.54 -23.18 6.05
CA TYR A 262 -12.37 -24.56 6.57
C TYR A 262 -12.07 -25.49 5.40
N ILE A 263 -11.07 -26.35 5.52
CA ILE A 263 -10.74 -27.35 4.49
C ILE A 263 -11.60 -28.59 4.66
N GLN A 264 -12.50 -28.78 3.70
CA GLN A 264 -13.44 -29.89 3.76
C GLN A 264 -12.71 -31.19 3.57
N ASP A 265 -11.74 -31.22 2.67
CA ASP A 265 -11.02 -32.46 2.32
C ASP A 265 -9.51 -32.27 2.61
N PRO A 266 -9.02 -32.83 3.73
CA PRO A 266 -7.61 -32.64 4.03
C PRO A 266 -6.65 -33.04 2.92
N GLN A 267 -7.08 -33.92 2.05
CA GLN A 267 -6.24 -34.31 0.92
C GLN A 267 -5.79 -33.08 0.12
N ASP A 268 -6.65 -32.04 0.07
CA ASP A 268 -6.28 -30.86 -0.70
C ASP A 268 -5.03 -30.19 -0.09
N LEU A 269 -4.93 -30.20 1.25
CA LEU A 269 -3.75 -29.66 1.91
C LEU A 269 -2.55 -30.57 1.74
N TYR A 270 -2.76 -31.87 1.97
CA TYR A 270 -1.62 -32.81 1.79
C TYR A 270 -0.99 -32.63 0.43
N LYS A 271 -1.83 -32.57 -0.61
CA LYS A 271 -1.32 -32.52 -1.95
C LYS A 271 -0.65 -31.20 -2.28
N ALA A 272 -1.25 -30.07 -1.86
CA ALA A 272 -0.62 -28.78 -2.05
C ALA A 272 0.78 -28.70 -1.36
N PHE A 273 0.84 -29.16 -0.11
CA PHE A 273 2.10 -29.17 0.60
C PHE A 273 3.08 -30.09 -0.09
N ASP A 274 2.63 -31.23 -0.60
CA ASP A 274 3.54 -32.11 -1.29
C ASP A 274 4.11 -31.45 -2.55
N ARG A 275 3.23 -30.74 -3.27
CA ARG A 275 3.69 -30.03 -4.46
C ARG A 275 4.73 -28.95 -4.11
N LEU A 276 4.52 -28.27 -3.00
CA LEU A 276 5.47 -27.27 -2.60
C LEU A 276 6.82 -27.94 -2.26
N LYS A 277 6.72 -29.08 -1.59
CA LYS A 277 7.97 -29.83 -1.28
C LYS A 277 8.68 -30.26 -2.56
N ALA A 278 7.88 -30.57 -3.58
CA ALA A 278 8.41 -31.10 -4.84
C ALA A 278 9.21 -30.07 -5.60
N GLN A 279 8.89 -28.78 -5.43
CA GLN A 279 9.66 -27.74 -6.13
C GLN A 279 10.72 -27.18 -5.16
N GLY A 280 11.07 -27.95 -4.12
CA GLY A 280 12.14 -27.56 -3.25
C GLY A 280 11.83 -26.56 -2.16
N GLN A 281 10.53 -26.36 -1.88
CA GLN A 281 10.13 -25.32 -0.92
C GLN A 281 9.10 -25.79 0.08
N PRO A 282 9.42 -26.76 0.91
CA PRO A 282 8.48 -27.22 1.93
C PRO A 282 8.10 -26.12 2.88
N LEU A 283 6.86 -26.12 3.26
CA LEU A 283 6.41 -25.14 4.23
C LEU A 283 6.76 -25.52 5.63
N ARG A 284 6.59 -24.61 6.55
CA ARG A 284 7.07 -24.77 7.95
C ARG A 284 6.01 -25.37 8.87
N GLY A 285 4.77 -25.46 8.42
CA GLY A 285 3.72 -25.95 9.30
C GLY A 285 2.34 -25.46 9.00
N VAL A 286 1.45 -25.72 9.93
CA VAL A 286 0.11 -25.17 9.90
C VAL A 286 -0.18 -24.49 11.21
N MET A 287 -1.18 -23.64 11.20
CA MET A 287 -1.68 -22.92 12.34
C MET A 287 -3.19 -23.09 12.36
N THR A 288 -3.79 -23.06 13.54
CA THR A 288 -5.24 -23.05 13.63
C THR A 288 -5.84 -22.16 14.70
N TRP A 289 -6.89 -21.46 14.32
CA TRP A 289 -7.88 -20.96 15.23
C TRP A 289 -8.92 -22.12 15.36
N SER A 290 -8.91 -22.93 16.43
CA SER A 290 -8.15 -22.75 17.68
C SER A 290 -8.15 -24.07 18.41
N VAL A 291 -7.32 -24.22 19.44
CA VAL A 291 -7.38 -25.51 20.16
C VAL A 291 -8.75 -25.68 20.83
N ASN A 292 -9.30 -24.57 21.27
CA ASN A 292 -10.60 -24.63 21.93
C ASN A 292 -11.69 -25.07 20.95
N TRP A 293 -11.62 -24.56 19.70
CA TRP A 293 -12.56 -25.07 18.69
C TRP A 293 -12.34 -26.53 18.35
N ASP A 294 -11.08 -26.94 18.32
CA ASP A 294 -10.79 -28.36 18.07
C ASP A 294 -11.34 -29.27 19.16
N MET A 295 -11.53 -28.68 20.36
CA MET A 295 -12.08 -29.39 21.51
C MET A 295 -13.51 -28.95 21.81
N GLY A 296 -14.17 -28.32 20.82
CA GLY A 296 -15.47 -27.77 21.06
C GLY A 296 -16.62 -28.62 20.61
N THR A 297 -17.79 -27.99 20.55
CA THR A 297 -18.97 -28.70 20.10
C THR A 297 -19.69 -27.93 19.01
N ASP A 298 -20.45 -28.66 18.24
CA ASP A 298 -21.32 -28.02 17.21
C ASP A 298 -22.67 -27.68 17.80
N ALA A 299 -23.55 -27.14 16.97
CA ALA A 299 -24.80 -26.66 17.48
C ALA A 299 -25.68 -27.76 18.03
N ALA A 300 -25.50 -28.97 17.54
CA ALA A 300 -26.25 -30.12 18.03
C ALA A 300 -25.56 -30.76 19.25
N ASN A 301 -24.58 -30.07 19.86
N ASN A 301 -24.51 -30.12 19.74
CA ASN A 301 -23.79 -30.59 21.03
CA ASN A 301 -23.84 -30.58 20.96
C ASN A 301 -23.01 -31.88 20.74
C ASN A 301 -22.97 -31.81 20.73
N ASN A 302 -22.69 -32.10 19.47
CA ASN A 302 -21.70 -33.13 19.09
C ASN A 302 -20.29 -32.58 19.19
N SER A 303 -19.40 -33.41 19.69
N SER A 303 -19.40 -33.40 19.70
CA SER A 303 -18.02 -33.01 19.89
CA SER A 303 -18.02 -32.99 19.90
C SER A 303 -17.22 -33.05 18.59
C SER A 303 -17.22 -33.04 18.60
N TYR A 304 -16.45 -31.99 18.34
CA TYR A 304 -15.47 -31.98 17.23
C TYR A 304 -14.35 -32.99 17.45
N ASN A 305 -14.04 -33.22 18.71
CA ASN A 305 -13.16 -34.31 19.13
C ASN A 305 -11.83 -34.34 18.40
N GLN A 306 -11.20 -33.18 18.34
CA GLN A 306 -9.83 -33.03 17.86
C GLN A 306 -9.64 -33.37 16.39
N GLN A 307 -10.64 -33.11 15.54
CA GLN A 307 -10.53 -33.54 14.14
C GLN A 307 -9.38 -32.81 13.43
N PHE A 308 -9.10 -31.57 13.81
CA PHE A 308 -8.06 -30.81 13.10
C PHE A 308 -6.71 -31.45 13.37
N ILE A 309 -6.37 -31.70 14.63
CA ILE A 309 -5.04 -32.28 14.89
C ILE A 309 -4.97 -33.69 14.36
N LYS A 310 -6.10 -34.40 14.37
CA LYS A 310 -6.14 -35.69 13.69
C LYS A 310 -5.80 -35.58 12.23
N ASP A 311 -6.39 -34.59 11.52
CA ASP A 311 -6.08 -34.48 10.11
C ASP A 311 -4.68 -34.00 9.78
N TYR A 312 -4.10 -33.16 10.63
CA TYR A 312 -2.84 -32.48 10.30
C TYR A 312 -1.60 -32.70 11.18
N GLY A 313 -1.78 -33.16 12.38
CA GLY A 313 -0.63 -33.24 13.28
C GLY A 313 0.51 -34.14 12.75
N ASN A 314 0.17 -35.39 12.47
CA ASN A 314 1.19 -36.33 12.01
C ASN A 314 1.73 -35.90 10.65
N PHE A 315 0.84 -35.47 9.75
CA PHE A 315 1.34 -35.01 8.46
C PHE A 315 2.43 -33.94 8.57
N ILE A 316 2.22 -32.96 9.40
CA ILE A 316 3.18 -31.84 9.50
C ILE A 316 4.42 -32.18 10.34
N HIS A 317 4.23 -33.00 11.36
CA HIS A 317 5.39 -33.35 12.17
C HIS A 317 6.32 -34.35 11.50
N ASN A 318 5.75 -35.23 10.68
CA ASN A 318 6.54 -36.25 10.01
C ASN A 318 7.12 -35.67 8.70
N GLN A 319 7.96 -34.66 8.87
CA GLN A 319 8.62 -33.96 7.76
C GLN A 319 10.03 -33.64 8.16
N LEU A 320 10.91 -33.50 7.17
CA LEU A 320 12.25 -33.06 7.52
C LEU A 320 12.29 -31.67 8.16
N PRO A 321 13.38 -31.39 8.87
CA PRO A 321 13.51 -30.05 9.45
C PRO A 321 13.62 -29.00 8.32
N PRO A 322 13.34 -27.76 8.67
CA PRO A 322 13.35 -26.69 7.66
C PRO A 322 14.77 -26.42 7.20
N VAL A 323 14.86 -25.89 6.00
CA VAL A 323 16.12 -25.53 5.40
C VAL A 323 16.08 -24.06 5.14
N THR A 324 16.99 -23.30 5.72
CA THR A 324 16.82 -21.83 5.73
C THR A 324 17.05 -21.23 4.37
N ASP A 325 16.13 -20.34 3.94
CA ASP A 325 16.33 -19.51 2.75
C ASP A 325 17.14 -18.26 3.14
N MET A 326 18.43 -18.21 2.70
CA MET A 326 19.32 -17.16 3.14
C MET A 326 19.48 -16.00 2.13
N THR A 327 18.46 -15.82 1.32
CA THR A 327 18.48 -14.73 0.35
C THR A 327 18.34 -13.41 1.07
N PRO A 328 19.18 -12.43 0.70
CA PRO A 328 19.11 -11.09 1.26
C PRO A 328 17.93 -10.30 0.62
N THR A 329 17.64 -9.16 1.20
CA THR A 329 16.59 -8.28 0.68
C THR A 329 17.11 -6.91 0.33
N LEU A 330 16.41 -6.25 -0.59
CA LEU A 330 16.63 -4.86 -0.95
C LEU A 330 15.36 -4.08 -0.61
N SER A 331 15.49 -2.86 -0.12
CA SER A 331 14.34 -2.02 0.22
C SER A 331 14.47 -0.70 -0.42
N GLY A 332 13.34 -0.09 -0.70
CA GLY A 332 13.38 1.30 -1.07
C GLY A 332 13.36 1.56 -2.55
N ILE A 333 13.39 0.54 -3.41
CA ILE A 333 13.53 0.79 -4.82
C ILE A 333 12.16 0.99 -5.52
N VAL A 334 11.97 2.12 -6.13
CA VAL A 334 10.74 2.41 -6.84
CA VAL A 334 10.74 2.39 -6.86
C VAL A 334 11.09 3.15 -8.14
N ASP A 335 10.41 2.81 -9.21
CA ASP A 335 10.64 3.54 -10.50
C ASP A 335 10.43 5.01 -10.18
N THR A 336 11.25 5.87 -10.75
CA THR A 336 11.27 7.29 -10.37
C THR A 336 11.34 8.16 -11.63
N ARG A 337 10.57 9.25 -11.58
CA ARG A 337 10.59 10.28 -12.64
C ARG A 337 11.48 11.44 -12.23
N VAL A 338 12.37 11.88 -13.14
CA VAL A 338 13.33 12.92 -12.85
C VAL A 338 13.25 14.00 -13.95
N GLU A 339 13.13 15.27 -13.55
CA GLU A 339 13.01 16.34 -14.57
C GLU A 339 14.38 16.58 -15.23
N LEU A 340 14.32 16.83 -16.52
CA LEU A 340 15.48 17.10 -17.37
C LEU A 340 16.42 18.02 -16.61
N ASP A 341 17.68 17.63 -16.60
CA ASP A 341 18.79 18.33 -15.98
C ASP A 341 18.77 18.45 -14.47
N SER A 342 17.91 17.69 -13.78
CA SER A 342 17.95 17.67 -12.32
C SER A 342 19.06 16.73 -11.87
N HIS A 343 19.47 16.81 -10.61
CA HIS A 343 20.48 15.90 -10.15
C HIS A 343 19.79 14.61 -9.70
N PHE A 344 20.44 13.50 -9.97
CA PHE A 344 19.87 12.20 -9.59
C PHE A 344 20.99 11.39 -8.92
N ASP A 345 20.65 10.78 -7.79
CA ASP A 345 21.61 9.99 -7.03
C ASP A 345 20.96 8.63 -6.83
N PRO A 346 21.53 7.62 -7.49
CA PRO A 346 20.92 6.29 -7.56
C PRO A 346 20.95 5.53 -6.24
N LEU A 347 21.65 6.03 -5.25
CA LEU A 347 21.71 5.33 -3.99
C LEU A 347 20.79 5.85 -2.89
N ILE A 348 20.29 7.08 -3.00
CA ILE A 348 19.50 7.64 -1.93
C ILE A 348 18.18 6.85 -1.70
N GLY A 349 17.84 6.51 -0.44
CA GLY A 349 16.59 5.80 -0.09
C GLY A 349 16.59 4.27 -0.20
N ILE A 350 17.70 3.74 -0.68
CA ILE A 350 17.80 2.32 -0.93
C ILE A 350 18.68 1.67 0.11
N THR A 351 18.21 0.55 0.59
CA THR A 351 18.92 -0.17 1.63
C THR A 351 18.87 -1.65 1.38
N ALA A 352 19.63 -2.41 2.17
CA ALA A 352 19.62 -3.85 2.01
C ALA A 352 19.93 -4.54 3.33
N LYS A 353 19.42 -5.75 3.50
CA LYS A 353 19.71 -6.55 4.72
C LYS A 353 20.04 -7.96 4.34
N ASP A 354 20.85 -8.62 5.16
CA ASP A 354 21.01 -10.05 4.96
C ASP A 354 19.86 -10.80 5.61
N TYR A 355 19.89 -12.13 5.51
CA TYR A 355 18.72 -12.88 5.99
C TYR A 355 18.46 -12.82 7.49
N GLN A 356 19.48 -12.41 8.25
CA GLN A 356 19.40 -12.26 9.68
C GLN A 356 19.09 -10.82 10.07
N GLY A 357 18.77 -9.96 9.08
CA GLY A 357 18.42 -8.58 9.36
C GLY A 357 19.57 -7.63 9.55
N ASN A 358 20.79 -8.11 9.33
CA ASN A 358 21.95 -7.22 9.39
C ASN A 358 21.92 -6.25 8.21
N ASP A 359 22.25 -4.97 8.45
CA ASP A 359 22.34 -3.97 7.40
C ASP A 359 23.50 -4.28 6.48
N ILE A 360 23.23 -4.50 5.20
CA ILE A 360 24.35 -4.60 4.22
C ILE A 360 24.20 -3.59 3.09
N THR A 361 23.71 -2.42 3.41
CA THR A 361 23.43 -1.43 2.38
C THR A 361 24.72 -1.07 1.59
N ALA A 362 25.84 -1.01 2.29
CA ALA A 362 27.09 -0.57 1.67
C ALA A 362 27.54 -1.56 0.60
N ASP A 363 26.98 -2.76 0.65
CA ASP A 363 27.34 -3.82 -0.28
C ASP A 363 26.48 -3.78 -1.56
N VAL A 364 25.44 -2.93 -1.60
CA VAL A 364 24.67 -2.83 -2.84
C VAL A 364 25.52 -2.28 -4.00
N THR A 365 25.30 -2.83 -5.19
CA THR A 365 25.89 -2.29 -6.39
C THR A 365 24.80 -2.06 -7.40
N VAL A 366 25.12 -1.19 -8.33
CA VAL A 366 24.15 -0.71 -9.32
C VAL A 366 24.75 -0.83 -10.68
N SER A 367 24.02 -1.42 -11.64
CA SER A 367 24.46 -1.30 -13.02
C SER A 367 23.46 -0.55 -13.84
N GLY A 368 23.98 0.03 -14.88
CA GLY A 368 23.17 0.94 -15.67
C GLY A 368 23.56 2.37 -15.35
N SER A 369 23.11 3.31 -16.15
CA SER A 369 23.41 4.70 -15.87
C SER A 369 22.24 5.57 -16.35
N VAL A 370 22.02 6.69 -15.68
CA VAL A 370 20.97 7.62 -16.07
C VAL A 370 21.68 8.86 -16.64
N ASN A 371 21.13 9.36 -17.73
CA ASN A 371 21.55 10.65 -18.28
C ASN A 371 20.46 11.68 -18.12
N THR A 372 20.55 12.51 -17.08
CA THR A 372 19.45 13.42 -16.83
C THR A 372 19.39 14.52 -17.85
N ASN A 373 20.40 14.64 -18.73
CA ASN A 373 20.42 15.66 -19.80
C ASN A 373 19.76 15.22 -21.09
N GLN A 374 19.21 14.01 -21.10
CA GLN A 374 18.45 13.54 -22.24
C GLN A 374 17.12 12.88 -21.81
N VAL A 375 15.99 13.38 -22.27
CA VAL A 375 14.72 12.72 -21.95
C VAL A 375 14.70 11.28 -22.47
N GLY A 376 14.03 10.42 -21.74
CA GLY A 376 13.89 9.01 -22.10
C GLY A 376 13.89 8.12 -20.87
N ASP A 377 13.91 6.81 -21.07
CA ASP A 377 13.90 5.84 -19.96
C ASP A 377 15.26 5.27 -19.80
N TYR A 378 15.61 5.00 -18.56
CA TYR A 378 16.91 4.43 -18.27
C TYR A 378 16.67 3.34 -17.27
N LEU A 379 17.33 2.19 -17.46
CA LEU A 379 17.08 1.06 -16.59
C LEU A 379 18.30 0.78 -15.72
N LEU A 380 18.08 0.74 -14.41
CA LEU A 380 19.14 0.38 -13.46
C LEU A 380 18.81 -0.97 -12.88
N THR A 381 19.84 -1.73 -12.48
CA THR A 381 19.58 -2.96 -11.71
C THR A 381 20.46 -2.91 -10.49
N TYR A 382 19.80 -3.05 -9.35
CA TYR A 382 20.44 -3.12 -8.03
C TYR A 382 20.67 -4.56 -7.68
N SER A 383 21.78 -4.82 -7.04
CA SER A 383 22.11 -6.19 -6.63
CA SER A 383 22.12 -6.18 -6.63
C SER A 383 22.78 -6.18 -5.27
N VAL A 384 22.53 -7.21 -4.49
CA VAL A 384 23.32 -7.39 -3.28
C VAL A 384 23.53 -8.88 -3.02
N SER A 385 24.70 -9.25 -2.48
CA SER A 385 24.99 -10.63 -2.25
C SER A 385 25.40 -10.83 -0.80
N SER A 386 24.94 -11.94 -0.20
CA SER A 386 25.36 -12.29 1.14
C SER A 386 25.04 -13.74 1.33
N ASP A 387 25.83 -14.42 2.16
CA ASP A 387 25.50 -15.82 2.50
C ASP A 387 25.33 -16.70 1.26
N ASP A 388 26.14 -16.39 0.26
CA ASP A 388 26.20 -17.12 -0.99
C ASP A 388 24.85 -17.07 -1.71
N GLU A 389 24.11 -15.98 -1.53
CA GLU A 389 22.90 -15.78 -2.32
C GLU A 389 22.93 -14.36 -2.83
N THR A 390 22.09 -14.05 -3.81
CA THR A 390 22.13 -12.74 -4.48
C THR A 390 20.68 -12.36 -4.72
N THR A 391 20.36 -11.09 -4.47
CA THR A 391 19.05 -10.55 -4.80
C THR A 391 19.23 -9.37 -5.70
N ASN A 392 18.40 -9.31 -6.74
CA ASN A 392 18.47 -8.22 -7.68
C ASN A 392 17.08 -7.62 -7.89
N GLN A 393 17.05 -6.35 -8.29
CA GLN A 393 15.79 -5.68 -8.52
C GLN A 393 16.01 -4.55 -9.53
N PRO A 394 15.14 -4.45 -10.53
CA PRO A 394 15.30 -3.33 -11.47
C PRO A 394 14.69 -2.00 -10.96
N ARG A 395 15.01 -0.90 -11.63
CA ARG A 395 14.44 0.38 -11.33
C ARG A 395 14.46 1.19 -12.63
N LYS A 396 13.31 1.60 -13.14
CA LYS A 396 13.25 2.51 -14.28
C LYS A 396 13.36 3.94 -13.79
N ILE A 397 14.25 4.69 -14.45
CA ILE A 397 14.29 6.11 -14.25
C ILE A 397 13.85 6.76 -15.55
N THR A 398 12.82 7.60 -15.45
CA THR A 398 12.32 8.32 -16.64
C THR A 398 12.65 9.78 -16.51
N VAL A 399 13.43 10.29 -17.48
CA VAL A 399 13.73 11.70 -17.55
C VAL A 399 12.70 12.38 -18.47
N TYR A 400 12.05 13.39 -17.93
CA TYR A 400 10.96 14.06 -18.65
C TYR A 400 11.18 15.57 -18.71
N GLU A 401 10.56 16.25 -19.68
CA GLU A 401 10.63 17.70 -19.73
C GLU A 401 9.23 18.31 -19.74
N ILE A 402 9.10 19.47 -19.11
CA ILE A 402 7.81 20.19 -19.00
C ILE A 402 7.86 21.42 -19.90
N LEU A 403 6.79 21.68 -20.63
CA LEU A 403 6.74 22.88 -21.46
C LEU A 403 6.60 24.13 -20.60
N PRO A 404 7.33 25.21 -20.97
CA PRO A 404 7.01 26.50 -20.34
C PRO A 404 5.56 26.97 -20.59
N ALA A 405 5.13 28.00 -19.85
CA ALA A 405 3.80 28.59 -20.04
C ALA A 405 3.90 30.11 -20.21
N PHE A 406 3.19 30.62 -21.21
CA PHE A 406 3.00 32.05 -21.35
C PHE A 406 1.87 32.55 -20.50
N THR A 407 1.91 33.81 -20.09
CA THR A 407 0.76 34.47 -19.53
C THR A 407 0.65 35.83 -20.20
N GLY A 408 -0.57 36.32 -20.27
CA GLY A 408 -0.81 37.67 -20.70
C GLY A 408 -1.04 37.79 -22.21
N ILE A 409 -1.07 36.69 -22.95
CA ILE A 409 -1.22 36.75 -24.40
CA ILE A 409 -1.24 36.74 -24.40
C ILE A 409 -2.71 36.55 -24.74
N THR A 410 -3.50 37.54 -24.48
CA THR A 410 -4.89 37.34 -24.71
C THR A 410 -5.30 38.40 -25.71
N ASP A 411 -6.27 38.06 -26.54
CA ASP A 411 -6.80 39.03 -27.52
C ASP A 411 -7.31 40.24 -26.82
N THR A 412 -7.12 41.41 -27.42
CA THR A 412 -7.52 42.63 -26.72
C THR A 412 -7.95 43.72 -27.71
N THR A 413 -8.80 44.63 -27.27
CA THR A 413 -9.24 45.76 -28.12
C THR A 413 -8.74 47.05 -27.52
N VAL A 414 -8.11 47.91 -28.30
CA VAL A 414 -7.64 49.18 -27.74
C VAL A 414 -8.16 50.33 -28.58
N VAL A 415 -8.17 51.53 -28.01
CA VAL A 415 -8.69 52.71 -28.72
C VAL A 415 -7.61 53.38 -29.56
N ILE A 416 -8.04 53.95 -30.68
CA ILE A 416 -7.16 54.64 -31.61
C ILE A 416 -6.27 55.67 -30.85
N ASP A 417 -5.01 55.75 -31.28
CA ASP A 417 -3.98 56.59 -30.68
C ASP A 417 -3.57 56.30 -29.26
N SER A 418 -4.04 55.19 -28.72
CA SER A 418 -3.55 54.73 -27.45
C SER A 418 -2.10 54.18 -27.58
N GLU A 419 -1.35 54.20 -26.48
CA GLU A 419 0.00 53.59 -26.50
C GLU A 419 -0.20 52.09 -26.34
N PHE A 420 0.44 51.28 -27.18
CA PHE A 420 0.32 49.85 -27.00
C PHE A 420 1.71 49.22 -26.92
N ASP A 421 1.98 48.52 -25.82
CA ASP A 421 3.29 47.88 -25.64
C ASP A 421 3.00 46.36 -25.69
N PRO A 422 3.49 45.66 -26.75
CA PRO A 422 3.12 44.24 -26.94
C PRO A 422 3.62 43.38 -25.79
N MET A 423 4.53 43.89 -24.97
CA MET A 423 5.06 43.09 -23.87
C MET A 423 4.41 43.39 -22.52
N GLN A 424 3.59 44.45 -22.45
N GLN A 424 3.62 44.45 -22.45
CA GLN A 424 2.88 44.77 -21.23
CA GLN A 424 2.91 44.80 -21.24
C GLN A 424 2.03 43.61 -20.77
C GLN A 424 2.02 43.63 -20.76
N GLY A 425 2.26 43.17 -19.52
CA GLY A 425 1.50 42.07 -18.96
C GLY A 425 1.81 40.67 -19.48
N VAL A 426 2.86 40.56 -20.30
CA VAL A 426 3.26 39.29 -20.90
C VAL A 426 4.48 38.68 -20.22
N SER A 427 4.40 37.43 -19.87
CA SER A 427 5.57 36.73 -19.26
C SER A 427 5.57 35.27 -19.65
N ALA A 428 6.64 34.55 -19.33
CA ALA A 428 6.71 33.11 -19.46
C ALA A 428 7.46 32.60 -18.28
N SER A 429 7.16 31.38 -17.92
CA SER A 429 7.89 30.76 -16.85
C SER A 429 8.07 29.26 -17.15
N HIS A 430 9.04 28.69 -16.46
CA HIS A 430 9.30 27.25 -16.53
C HIS A 430 9.72 26.86 -15.13
N PRO A 431 9.34 25.64 -14.74
CA PRO A 431 9.61 25.21 -13.35
C PRO A 431 11.07 25.21 -12.95
N THR A 432 11.96 24.88 -13.88
CA THR A 432 13.42 24.85 -13.59
C THR A 432 14.20 26.02 -14.16
N GLN A 433 13.72 26.64 -15.25
CA GLN A 433 14.49 27.69 -15.84
C GLN A 433 14.01 29.03 -15.31
N GLY A 434 12.87 29.07 -14.66
CA GLY A 434 12.44 30.27 -14.00
C GLY A 434 11.80 31.28 -14.91
N ASP A 435 12.16 32.56 -14.79
CA ASP A 435 11.47 33.60 -15.54
C ASP A 435 12.09 33.61 -16.92
N LEU A 436 11.25 33.39 -17.93
CA LEU A 436 11.68 33.34 -19.32
C LEU A 436 11.14 34.49 -20.12
N THR A 437 10.66 35.53 -19.44
CA THR A 437 10.08 36.65 -20.13
C THR A 437 11.03 37.28 -21.17
N ALA A 438 12.31 37.28 -20.84
CA ALA A 438 13.31 37.93 -21.70
C ALA A 438 13.61 37.10 -22.95
N ASN A 439 13.06 35.89 -23.01
CA ASN A 439 13.27 34.99 -24.11
C ASN A 439 12.13 35.03 -25.17
N ILE A 440 11.17 35.93 -24.95
CA ILE A 440 10.02 36.09 -25.83
C ILE A 440 10.29 37.14 -26.91
N THR A 441 10.01 36.76 -28.16
CA THR A 441 10.08 37.75 -29.26
C THR A 441 8.74 37.94 -29.81
N VAL A 442 8.56 39.09 -30.49
CA VAL A 442 7.25 39.42 -31.04
C VAL A 442 7.38 39.71 -32.55
N THR A 443 6.60 38.96 -33.31
CA THR A 443 6.57 39.09 -34.80
C THR A 443 5.26 39.87 -35.12
N GLY A 444 5.36 40.95 -35.90
CA GLY A 444 4.18 41.78 -36.19
C GLY A 444 4.15 43.08 -35.38
N GLU A 445 3.40 44.09 -35.83
CA GLU A 445 3.18 45.28 -35.01
C GLU A 445 1.72 45.70 -35.00
N VAL A 446 1.38 46.51 -34.00
CA VAL A 446 0.08 47.16 -33.92
C VAL A 446 0.25 48.63 -34.28
N ASP A 447 -0.56 49.14 -35.19
CA ASP A 447 -0.52 50.58 -35.48
C ASP A 447 -1.79 51.18 -34.87
N THR A 448 -1.69 51.82 -33.72
CA THR A 448 -2.92 52.26 -33.04
C THR A 448 -3.45 53.56 -33.70
N ASN A 449 -2.73 54.10 -34.67
CA ASN A 449 -3.26 55.24 -35.44
C ASN A 449 -4.25 54.81 -36.52
N VAL A 450 -4.33 53.49 -36.82
CA VAL A 450 -5.09 53.03 -38.00
C VAL A 450 -6.05 51.92 -37.52
N VAL A 451 -7.35 52.17 -37.60
CA VAL A 451 -8.37 51.21 -37.19
C VAL A 451 -8.19 49.90 -37.93
N GLY A 452 -8.34 48.76 -37.20
CA GLY A 452 -8.23 47.48 -37.84
C GLY A 452 -7.76 46.38 -36.89
N VAL A 453 -7.44 45.24 -37.44
CA VAL A 453 -7.11 44.06 -36.64
C VAL A 453 -5.68 43.65 -36.96
N TYR A 454 -4.84 43.51 -35.92
CA TYR A 454 -3.42 43.32 -36.08
C TYR A 454 -3.05 42.00 -35.37
N GLU A 455 -2.38 41.13 -36.07
CA GLU A 455 -1.98 39.85 -35.47
C GLU A 455 -0.57 39.99 -35.00
N LEU A 456 -0.31 39.46 -33.78
CA LEU A 456 1.04 39.41 -33.26
C LEU A 456 1.37 37.93 -32.95
N THR A 457 2.55 37.51 -33.31
CA THR A 457 2.98 36.14 -33.07
C THR A 457 4.08 36.25 -32.01
N TYR A 458 3.80 35.64 -30.87
CA TYR A 458 4.78 35.62 -29.76
C TYR A 458 5.51 34.31 -29.84
N GLN A 459 6.84 34.34 -29.82
CA GLN A 459 7.60 33.09 -29.77
C GLN A 459 8.47 33.10 -28.51
N LEU A 460 8.53 31.96 -27.86
CA LEU A 460 9.38 31.76 -26.68
C LEU A 460 10.44 30.77 -27.07
N PHE A 461 11.70 31.08 -26.77
CA PHE A 461 12.79 30.15 -27.05
C PHE A 461 13.33 29.77 -25.72
N TYR A 462 13.63 28.49 -25.55
CA TYR A 462 14.02 28.01 -24.22
C TYR A 462 14.83 26.74 -24.37
N GLY A 463 15.17 26.15 -23.21
CA GLY A 463 15.94 24.93 -23.26
C GLY A 463 17.36 25.22 -23.57
N GLN A 464 18.12 24.13 -23.72
CA GLN A 464 19.53 24.24 -23.99
C GLN A 464 19.80 25.04 -25.29
N ASP A 465 20.60 26.09 -25.14
CA ASP A 465 20.97 26.97 -26.22
C ASP A 465 19.75 27.61 -26.89
N ASN A 466 18.65 27.61 -26.16
CA ASN A 466 17.43 28.25 -26.66
C ASN A 466 16.98 27.66 -27.98
N GLN A 467 17.22 26.35 -28.15
CA GLN A 467 16.87 25.72 -29.44
C GLN A 467 15.47 25.07 -29.40
N GLN A 468 14.75 25.19 -28.29
CA GLN A 468 13.34 24.79 -28.26
CA GLN A 468 13.34 24.79 -28.26
C GLN A 468 12.45 26.01 -28.37
N ASN A 469 11.26 25.85 -28.91
CA ASN A 469 10.47 27.05 -29.17
C ASN A 469 8.98 26.71 -29.06
N MET A 470 8.19 27.68 -28.66
CA MET A 470 6.74 27.51 -28.68
C MET A 470 6.17 28.85 -29.10
N THR A 471 4.98 28.83 -29.70
CA THR A 471 4.43 30.01 -30.33
C THR A 471 3.00 30.26 -29.83
N ASP A 472 2.62 31.53 -29.75
CA ASP A 472 1.22 31.78 -29.48
C ASP A 472 0.87 33.07 -30.25
N LYS A 473 -0.36 33.13 -30.73
CA LYS A 473 -0.83 34.29 -31.51
C LYS A 473 -1.82 35.11 -30.69
N ARG A 474 -1.79 36.42 -30.95
CA ARG A 474 -2.65 37.34 -30.25
C ARG A 474 -3.26 38.31 -31.29
N ILE A 475 -4.55 38.63 -31.16
CA ILE A 475 -5.20 39.63 -32.05
C ILE A 475 -5.45 40.88 -31.26
N VAL A 476 -4.95 42.00 -31.78
CA VAL A 476 -5.16 43.30 -31.15
C VAL A 476 -5.97 44.14 -32.14
N THR A 477 -7.18 44.52 -31.69
CA THR A 477 -8.13 45.26 -32.57
C THR A 477 -8.09 46.69 -32.10
N VAL A 478 -7.95 47.62 -33.04
CA VAL A 478 -7.85 49.05 -32.74
C VAL A 478 -9.20 49.60 -33.22
N VAL A 479 -9.95 50.23 -32.31
CA VAL A 479 -11.28 50.76 -32.63
C VAL A 479 -11.31 52.27 -32.45
N THR A 480 -12.14 52.96 -33.27
CA THR A 480 -12.21 54.38 -33.12
C THR A 480 -13.00 54.73 -31.86
N ASP A 481 -12.74 55.91 -31.29
CA ASP A 481 -13.58 56.48 -30.24
C ASP A 481 -14.58 57.44 -30.86
N ALA A 482 -14.58 57.49 -32.20
CA ALA A 482 -15.53 58.31 -32.97
C ALA A 482 -16.94 57.76 -32.81
N VAL A 483 -17.86 58.63 -32.45
CA VAL A 483 -19.25 58.23 -32.39
C VAL A 483 -19.83 58.26 -33.80
N SER A 484 -20.65 57.26 -34.10
CA SER A 484 -21.25 57.10 -35.41
C SER A 484 -22.77 56.91 -35.27
N ASP A 485 -23.45 56.94 -36.40
CA ASP A 485 -24.87 56.70 -36.43
C ASP A 485 -25.16 55.28 -35.94
N ASP A 486 -26.26 55.12 -35.22
CA ASP A 486 -26.52 53.86 -34.57
C ASP A 486 -26.66 52.75 -35.63
N ASP A 487 -26.23 51.54 -35.27
CA ASP A 487 -26.30 50.42 -36.19
C ASP A 487 -27.75 50.16 -36.61
N TRP A 488 -27.94 49.86 -37.90
CA TRP A 488 -29.24 49.38 -38.40
C TRP A 488 -29.66 48.09 -37.68
N GLN A 489 -30.92 48.08 -37.26
CA GLN A 489 -31.54 46.88 -36.71
C GLN A 489 -32.74 46.46 -37.57
N VAL A 490 -32.80 45.17 -37.88
CA VAL A 490 -33.78 44.62 -38.81
C VAL A 490 -35.21 44.78 -38.25
N GLY A 491 -35.33 44.92 -36.93
CA GLY A 491 -36.65 45.05 -36.31
C GLY A 491 -37.09 46.47 -36.01
N SER A 492 -36.21 47.43 -36.21
CA SER A 492 -36.51 48.82 -35.90
C SER A 492 -37.22 49.44 -37.07
N THR A 493 -37.95 50.51 -36.81
CA THR A 493 -38.64 51.28 -37.84
C THR A 493 -37.94 52.62 -38.05
N TYR A 494 -37.63 52.94 -39.30
CA TYR A 494 -36.98 54.21 -39.64
C TYR A 494 -37.89 55.03 -40.54
N VAL A 495 -37.73 56.36 -40.47
CA VAL A 495 -38.45 57.30 -41.29
C VAL A 495 -37.45 58.19 -42.06
N LYS A 496 -37.97 58.98 -43.01
CA LYS A 496 -37.11 59.80 -43.88
C LYS A 496 -36.06 60.57 -43.10
N ASP A 497 -34.82 60.48 -43.56
CA ASP A 497 -33.66 61.21 -43.02
C ASP A 497 -33.00 60.54 -41.84
N ASP A 498 -33.64 59.53 -41.29
CA ASP A 498 -32.95 58.78 -40.23
C ASP A 498 -31.70 58.18 -40.82
N LYS A 499 -30.60 58.18 -40.05
CA LYS A 499 -29.37 57.56 -40.52
C LYS A 499 -28.92 56.42 -39.64
N VAL A 500 -28.36 55.41 -40.29
CA VAL A 500 -27.86 54.21 -39.63
C VAL A 500 -26.52 53.83 -40.19
N THR A 501 -25.76 53.09 -39.41
CA THR A 501 -24.54 52.47 -39.88
C THR A 501 -24.89 51.04 -40.18
N HIS A 502 -24.40 50.55 -41.31
CA HIS A 502 -24.54 49.13 -41.67
C HIS A 502 -23.47 48.70 -42.67
N ASN A 503 -22.85 47.56 -42.41
CA ASN A 503 -21.83 47.03 -43.32
C ASN A 503 -20.79 48.06 -43.71
N GLY A 504 -20.34 48.77 -42.69
CA GLY A 504 -19.24 49.69 -42.81
C GLY A 504 -19.59 51.05 -43.39
N ALA A 505 -20.86 51.24 -43.74
CA ALA A 505 -21.31 52.47 -44.36
C ALA A 505 -22.41 53.16 -43.56
N THR A 506 -22.53 54.47 -43.79
N THR A 506 -22.55 54.46 -43.80
CA THR A 506 -23.61 55.28 -43.23
CA THR A 506 -23.62 55.27 -43.22
C THR A 506 -24.67 55.47 -44.30
C THR A 506 -24.68 55.52 -44.28
N TRP A 507 -25.92 55.11 -43.98
CA TRP A 507 -27.01 55.13 -44.95
C TRP A 507 -28.14 56.02 -44.45
N THR A 508 -28.88 56.60 -45.38
CA THR A 508 -29.92 57.52 -45.03
C THR A 508 -31.23 57.03 -45.64
N ALA A 509 -32.26 56.90 -44.79
CA ALA A 509 -33.57 56.48 -45.21
C ALA A 509 -34.25 57.56 -46.05
N GLN A 510 -34.91 57.12 -47.11
CA GLN A 510 -35.58 58.04 -48.02
C GLN A 510 -37.07 58.09 -47.72
N TRP A 511 -37.55 57.09 -46.97
CA TRP A 511 -38.96 57.06 -46.53
C TRP A 511 -39.16 55.99 -45.46
N TRP A 512 -40.41 55.57 -45.25
CA TRP A 512 -40.70 54.62 -44.19
C TRP A 512 -40.13 53.24 -44.48
N THR A 513 -39.43 52.66 -43.50
CA THR A 513 -38.94 51.31 -43.69
C THR A 513 -38.76 50.51 -42.39
N LYS A 514 -39.01 49.22 -42.52
CA LYS A 514 -38.75 48.28 -41.45
C LYS A 514 -38.31 46.96 -42.08
N GLY A 515 -37.17 46.45 -41.67
CA GLY A 515 -36.76 45.13 -42.13
C GLY A 515 -36.04 45.06 -43.48
N GLU A 516 -35.62 46.20 -44.03
CA GLU A 516 -34.90 46.21 -45.30
C GLU A 516 -33.46 46.52 -45.06
N GLU A 517 -32.56 45.65 -45.52
CA GLU A 517 -31.15 45.79 -45.22
C GLU A 517 -30.47 46.84 -46.08
N PRO A 518 -29.75 47.80 -45.43
CA PRO A 518 -28.98 48.75 -46.25
C PRO A 518 -27.97 48.04 -47.12
N GLY A 519 -27.86 48.53 -48.36
CA GLY A 519 -26.98 47.90 -49.33
C GLY A 519 -27.67 46.91 -50.26
N THR A 520 -28.90 46.50 -49.92
CA THR A 520 -29.52 45.47 -50.70
C THR A 520 -30.72 46.01 -51.44
N THR A 521 -30.95 47.32 -51.38
CA THR A 521 -32.17 47.88 -52.01
C THR A 521 -31.85 48.64 -53.28
N GLY A 522 -30.74 48.31 -53.92
CA GLY A 522 -30.51 48.78 -55.28
C GLY A 522 -30.14 50.23 -55.45
N GLU A 523 -30.13 50.67 -56.70
CA GLU A 523 -29.64 52.00 -57.06
C GLU A 523 -30.67 53.04 -56.58
N TRP A 524 -31.95 52.69 -56.61
CA TRP A 524 -33.02 53.63 -56.37
C TRP A 524 -34.01 53.18 -55.30
N GLY A 525 -33.55 52.63 -54.17
CA GLY A 525 -34.46 52.12 -53.13
C GLY A 525 -34.46 52.91 -51.81
N VAL A 526 -34.85 52.29 -50.68
CA VAL A 526 -35.07 53.09 -49.47
C VAL A 526 -33.77 53.56 -48.77
N TRP A 527 -32.70 52.78 -48.87
CA TRP A 527 -31.45 53.19 -48.23
C TRP A 527 -30.46 53.74 -49.27
N ARG A 528 -29.90 54.92 -49.02
CA ARG A 528 -28.88 55.46 -49.90
C ARG A 528 -27.68 56.01 -49.16
C1 NDG B . -14.40 -9.84 0.63
C2 NDG B . -15.21 -10.59 1.63
C3 NDG B . -15.00 -10.10 3.02
C4 NDG B . -13.52 -10.04 3.35
C5 NDG B . -12.74 -9.45 2.19
C6 NDG B . -11.25 -9.57 2.46
C7 NDG B . -17.28 -11.51 0.52
C8 NDG B . -18.74 -11.26 0.36
O5 NDG B . -13.06 -9.94 0.97
O3 NDG B . -15.63 -10.97 3.88
O4 NDG B . -13.27 -9.34 4.50
O6 NDG B . -10.50 -8.95 1.51
O7 NDG B . -16.79 -12.44 0.01
N2 NDG B . -16.60 -10.55 1.32
O1 NDG B . -14.85 -8.55 0.56
C1 NAG B . -13.24 -9.99 5.81
C2 NAG B . -12.32 -9.25 6.77
C3 NAG B . -12.29 -10.10 8.03
C4 NAG B . -13.74 -10.13 8.56
C5 NAG B . -14.69 -10.60 7.51
C6 NAG B . -16.14 -10.44 8.02
C7 NAG B . -10.42 -8.00 6.03
C8 NAG B . -9.02 -8.12 5.37
N2 NAG B . -11.01 -9.16 6.18
O3 NAG B . -11.41 -9.50 8.94
O4 NAG B . -13.91 -11.16 9.56
O5 NAG B . -14.57 -9.86 6.29
O6 NAG B . -17.05 -10.83 6.96
O7 NAG B . -10.86 -6.93 6.39
C1 NAG B . -12.96 -11.20 10.79
C2 NAG B . -13.74 -11.86 11.90
C3 NAG B . -12.69 -11.89 13.04
C4 NAG B . -11.48 -12.70 12.53
C5 NAG B . -10.90 -12.04 11.30
C6 NAG B . -9.67 -12.72 10.69
C7 NAG B . -16.04 -11.19 12.08
C8 NAG B . -16.98 -10.11 12.60
N2 NAG B . -14.74 -10.91 12.30
O3 NAG B . -13.20 -12.58 14.15
O4 NAG B . -10.49 -12.68 13.55
O5 NAG B . -11.95 -12.16 10.33
O6 NAG B . -9.85 -14.09 10.58
O7 NAG B . -16.49 -12.22 11.62
C1 NAG B . -9.74 -14.02 13.79
C2 NAG B . -8.94 -13.71 15.10
C3 NAG B . -9.70 -14.23 16.33
C4 NAG B . -11.13 -14.56 15.94
C5 NAG B . -11.11 -15.61 14.85
C6 NAG B . -12.56 -15.99 14.43
C7 NAG B . -7.18 -15.38 14.66
C8 NAG B . -5.69 -15.69 14.74
N2 NAG B . -7.54 -14.19 15.12
O3 NAG B . -9.68 -13.23 17.32
O4 NAG B . -11.85 -15.25 16.98
O5 NAG B . -10.48 -15.15 13.63
O6 NAG B . -12.50 -16.85 13.28
O7 NAG B . -7.88 -16.22 14.24
C1 NAG B . -12.66 -14.34 17.86
C2 NAG B . -13.75 -15.21 18.50
C3 NAG B . -14.60 -14.30 19.41
C4 NAG B . -13.76 -13.46 20.28
C5 NAG B . -12.64 -12.74 19.55
C6 NAG B . -11.66 -12.01 20.42
C7 NAG B . -14.60 -17.29 17.47
C8 NAG B . -15.60 -17.87 16.55
N2 NAG B . -14.54 -15.98 17.58
O3 NAG B . -15.51 -15.08 20.10
O4 NAG B . -14.56 -12.44 20.93
O5 NAG B . -11.86 -13.65 18.75
O6 NAG B . -10.67 -11.30 19.72
O7 NAG B . -13.90 -18.05 18.24
NA NA C . 9.09 -20.34 28.66
C1 GOL D . -5.92 -1.18 6.56
O1 GOL D . -6.73 -1.74 5.57
C2 GOL D . -6.63 -1.43 7.83
O2 GOL D . -5.74 -1.24 8.94
C3 GOL D . -7.72 -0.38 8.02
O3 GOL D . -8.62 -0.95 8.92
C1 GOL E . 9.94 -1.97 -11.02
O1 GOL E . 11.08 -1.49 -11.72
C2 GOL E . 10.16 -1.92 -9.51
O2 GOL E . 11.26 -2.77 -9.19
C3 GOL E . 10.25 -0.50 -8.93
O3 GOL E . 9.03 0.31 -9.12
C1 PEG F . 2.85 0.87 31.52
O1 PEG F . 2.22 1.99 31.00
C2 PEG F . 2.41 -0.40 30.86
O2 PEG F . 1.26 -0.92 31.48
C3 PEG F . 0.43 -1.85 30.78
C4 PEG F . -1.02 -1.65 31.18
O4 PEG F . -1.25 -2.25 32.42
S SO4 G . -19.59 -14.80 15.85
O1 SO4 G . -20.79 -14.89 16.70
O2 SO4 G . -18.40 -14.29 16.56
O3 SO4 G . -19.30 -16.16 15.44
O4 SO4 G . -19.91 -13.88 14.73
N GLY H . -20.43 -30.91 13.47
CA GLY H . -20.02 -31.92 14.42
C GLY H . -18.92 -32.74 13.83
O GLY H . -18.16 -33.41 14.53
OXT GLY H . -18.78 -32.71 12.61
C1 GOL I . 10.15 -17.79 33.48
O1 GOL I . 10.63 -16.50 33.80
C2 GOL I . 8.83 -18.19 34.18
O2 GOL I . 8.47 -17.44 35.30
C3 GOL I . 9.01 -19.58 34.76
O3 GOL I . 7.75 -20.05 35.16
N GLY J . -7.57 -7.87 -1.05
CA GLY J . -6.28 -8.54 -1.19
C GLY J . -6.02 -9.58 -2.28
O GLY J . -5.75 -10.76 -1.98
OXT GLY J . -6.06 -9.28 -3.50
C1 PEG K . -12.36 -12.26 25.69
O1 PEG K . -12.52 -11.45 26.85
C2 PEG K . -12.85 -11.68 24.38
O2 PEG K . -13.80 -12.47 23.63
C3 PEG K . -14.82 -13.27 24.21
C4 PEG K . -15.88 -13.60 23.16
O4 PEG K . -16.63 -14.77 23.47
#